data_7LBW
#
_entry.id   7LBW
#
_cell.length_a   115.000
_cell.length_b   124.810
_cell.length_c   55.179
_cell.angle_alpha   90.000
_cell.angle_beta   90.000
_cell.angle_gamma   90.000
#
_symmetry.space_group_name_H-M   'P 21 21 2'
#
loop_
_entity.id
_entity.type
_entity.pdbx_description
1 polymer 'Transcription factor A, mitochondrial'
2 polymer "DNA (5'-D(P*TP*AP*GP*CP*CP*TP*TP*TP*CP*TP*AP*TP*TP*AP*GP*CP*TP*CP*TP*TP*AP*G)-3')"
3 polymer "DNA (5'-D(P*TP*AP*GP*CP*CP*TP*TP*TP*CP*TP*AP*TP*TP*AP*GP*CP*TP*CP*TP*TP*AP*G)-3')"
4 non-polymer 1,2-ETHANEDIOL
5 non-polymer DI(HYDROXYETHYL)ETHER
6 water water
#
loop_
_entity_poly.entity_id
_entity_poly.type
_entity_poly.pdbx_seq_one_letter_code
_entity_poly.pdbx_strand_id
1 'polypeptide(L)'
;SSVLASCPKKPVSSYLRFSKEQLPIFKAQNPDAKTTELIRRIAQRWRELPDSKKKIYQDAYRAEWQVYKEEISRFKEQLT
PSQIMSLEKEIMDKHLKRKAMTKKKELTLLGKPKRPRSAYNVYVAERFQEAKGDSPQEKLKTVKENWKNLSDSEKELYIQ
HAKEDETRYHNEMKSWEEQMIEVGRKDLLRRTIKKQRKYGAEEC
;
A,B
2 'polydeoxyribonucleotide'
;(DT)(DA)(DG)(DC)(DC)(DT)(DT)(DT)(DC)(DT)(DA)(DT)(DT)(DA)(DG)(DC)(DT)(DC)(DT)(DT)
(DA)(DG)
;
C,E
3 'polydeoxyribonucleotide'
;(DC)(DT)(DA)(DA)(DG)(DA)(DG)(DC)(DT)(DA)(DA)(DT)(DA)(DG)(DA)(DA)(DA)(DG)(DG)(DC)
(DT)(DA)
;
D,F
#
loop_
_chem_comp.id
_chem_comp.type
_chem_comp.name
_chem_comp.formula
DA DNA linking 2'-DEOXYADENOSINE-5'-MONOPHOSPHATE 'C10 H14 N5 O6 P'
DC DNA linking 2'-DEOXYCYTIDINE-5'-MONOPHOSPHATE 'C9 H14 N3 O7 P'
DG DNA linking 2'-DEOXYGUANOSINE-5'-MONOPHOSPHATE 'C10 H14 N5 O7 P'
DT DNA linking THYMIDINE-5'-MONOPHOSPHATE 'C10 H15 N2 O8 P'
EDO non-polymer 1,2-ETHANEDIOL 'C2 H6 O2'
PEG non-polymer DI(HYDROXYETHYL)ETHER 'C4 H10 O3'
#
# COMPACT_ATOMS: atom_id res chain seq x y z
N SER A 2 18.26 -11.79 -1.93
CA SER A 2 19.65 -11.65 -1.48
C SER A 2 19.69 -11.95 0.02
N VAL A 3 19.19 -11.05 0.95
CA VAL A 3 19.13 -11.50 2.34
C VAL A 3 17.92 -12.46 2.44
N LEU A 4 16.75 -12.06 1.93
CA LEU A 4 15.52 -12.88 1.95
C LEU A 4 15.74 -14.31 1.37
N ALA A 5 16.51 -14.44 0.27
CA ALA A 5 16.80 -15.74 -0.36
C ALA A 5 17.33 -16.78 0.63
N SER A 6 18.26 -16.37 1.53
CA SER A 6 18.89 -17.25 2.51
C SER A 6 18.14 -17.34 3.83
N CYS A 7 17.13 -16.52 4.03
CA CYS A 7 16.39 -16.50 5.28
C CYS A 7 15.64 -17.81 5.56
N PRO A 8 15.81 -18.47 6.74
CA PRO A 8 15.05 -19.69 7.02
C PRO A 8 13.56 -19.52 6.82
N LYS A 9 12.93 -20.49 6.13
CA LYS A 9 11.49 -20.47 5.80
C LYS A 9 10.78 -21.27 6.90
N LYS A 10 9.51 -20.93 7.20
CA LYS A 10 8.76 -21.57 8.28
C LYS A 10 8.24 -22.95 7.86
N PRO A 11 8.10 -23.91 8.80
CA PRO A 11 7.61 -25.25 8.40
C PRO A 11 6.14 -25.20 8.02
N VAL A 12 5.67 -26.13 7.17
CA VAL A 12 4.27 -26.17 6.77
C VAL A 12 3.47 -26.87 7.85
N SER A 13 2.20 -26.45 8.04
CA SER A 13 1.32 -27.01 9.05
C SER A 13 1.01 -28.47 8.77
N SER A 14 0.46 -29.12 9.81
CA SER A 14 0.04 -30.51 9.88
C SER A 14 -0.64 -31.05 8.59
N TYR A 15 -1.66 -30.37 8.10
CA TYR A 15 -2.44 -30.77 6.91
C TYR A 15 -1.64 -30.64 5.64
N LEU A 16 -0.98 -29.50 5.42
CA LEU A 16 -0.15 -29.35 4.22
C LEU A 16 0.94 -30.42 4.17
N ARG A 17 1.48 -30.86 5.31
CA ARG A 17 2.47 -31.97 5.26
C ARG A 17 1.79 -33.21 4.68
N PHE A 18 0.70 -33.67 5.29
CA PHE A 18 -0.09 -34.81 4.80
C PHE A 18 -0.43 -34.64 3.30
N SER A 19 -0.90 -33.45 2.93
CA SER A 19 -1.27 -33.15 1.55
C SER A 19 -0.14 -33.42 0.56
N LYS A 20 1.12 -33.14 0.93
CA LYS A 20 2.20 -33.29 -0.06
C LYS A 20 2.72 -34.70 -0.20
N GLU A 21 2.55 -35.60 0.76
CA GLU A 21 2.85 -37.01 0.49
C GLU A 21 1.67 -37.59 -0.31
N GLN A 22 0.41 -37.19 0.00
CA GLN A 22 -0.79 -37.73 -0.66
C GLN A 22 -1.00 -37.29 -2.10
N LEU A 23 -0.61 -36.09 -2.48
CA LEU A 23 -0.90 -35.64 -3.85
C LEU A 23 -0.30 -36.55 -4.94
N PRO A 24 1.02 -36.86 -4.94
CA PRO A 24 1.56 -37.74 -5.99
C PRO A 24 0.92 -39.11 -6.13
N ILE A 25 0.39 -39.70 -5.04
CA ILE A 25 -0.24 -41.01 -5.12
C ILE A 25 -1.64 -40.82 -5.72
N PHE A 26 -2.38 -39.80 -5.29
CA PHE A 26 -3.70 -39.51 -5.89
C PHE A 26 -3.54 -39.19 -7.41
N LYS A 27 -2.52 -38.39 -7.76
CA LYS A 27 -2.20 -38.01 -9.14
C LYS A 27 -1.77 -39.23 -9.95
N ALA A 28 -0.94 -40.12 -9.39
CA ALA A 28 -0.49 -41.31 -10.12
C ALA A 28 -1.66 -42.25 -10.46
N GLN A 29 -2.66 -42.36 -9.55
CA GLN A 29 -3.83 -43.19 -9.76
C GLN A 29 -4.81 -42.54 -10.75
N ASN A 30 -4.98 -41.19 -10.72
CA ASN A 30 -5.88 -40.47 -11.65
C ASN A 30 -5.09 -39.34 -12.36
N PRO A 31 -4.20 -39.63 -13.33
CA PRO A 31 -3.43 -38.55 -13.98
C PRO A 31 -4.24 -37.60 -14.86
N ASP A 32 -5.48 -37.98 -15.26
CA ASP A 32 -6.37 -37.13 -16.07
C ASP A 32 -7.17 -36.12 -15.21
N ALA A 33 -7.72 -36.56 -14.03
CA ALA A 33 -8.51 -35.71 -13.10
C ALA A 33 -7.73 -34.47 -12.67
N LYS A 34 -8.44 -33.37 -12.42
CA LYS A 34 -7.82 -32.07 -12.14
C LYS A 34 -7.32 -31.93 -10.71
N THR A 35 -6.18 -31.24 -10.54
CA THR A 35 -5.55 -31.01 -9.22
C THR A 35 -6.51 -30.44 -8.17
N THR A 36 -7.46 -29.58 -8.57
CA THR A 36 -8.43 -29.01 -7.62
C THR A 36 -9.36 -30.09 -7.07
N GLU A 37 -9.69 -31.10 -7.90
CA GLU A 37 -10.51 -32.24 -7.46
C GLU A 37 -9.68 -33.10 -6.51
N LEU A 38 -8.38 -33.31 -6.80
CA LEU A 38 -7.53 -34.15 -5.95
C LEU A 38 -7.36 -33.55 -4.55
N ILE A 39 -7.04 -32.25 -4.46
CA ILE A 39 -6.90 -31.54 -3.19
C ILE A 39 -8.22 -31.60 -2.41
N ARG A 40 -9.33 -31.39 -3.12
CA ARG A 40 -10.69 -31.51 -2.57
C ARG A 40 -10.85 -32.96 -2.02
N ARG A 41 -10.39 -34.00 -2.77
CA ARG A 41 -10.41 -35.39 -2.29
C ARG A 41 -9.43 -35.65 -1.12
N ILE A 42 -8.29 -34.96 -1.07
CA ILE A 42 -7.26 -35.10 -0.01
C ILE A 42 -7.72 -34.48 1.33
N ALA A 43 -8.34 -33.27 1.31
CA ALA A 43 -8.83 -32.57 2.52
C ALA A 43 -9.65 -33.46 3.47
N GLN A 44 -10.42 -34.36 2.86
CA GLN A 44 -11.35 -35.21 3.65
C GLN A 44 -10.62 -36.45 4.15
N ARG A 45 -9.78 -37.05 3.32
CA ARG A 45 -8.83 -38.03 3.89
C ARG A 45 -8.26 -37.39 5.15
N TRP A 46 -8.10 -36.06 5.16
CA TRP A 46 -7.65 -35.38 6.38
C TRP A 46 -8.72 -35.26 7.47
N ARG A 47 -9.91 -34.77 7.12
CA ARG A 47 -11.05 -34.70 8.04
C ARG A 47 -11.34 -36.09 8.65
N GLU A 48 -11.41 -37.14 7.79
CA GLU A 48 -11.69 -38.53 8.18
C GLU A 48 -10.58 -39.18 9.01
N LEU A 49 -9.34 -38.67 8.91
CA LEU A 49 -8.17 -39.26 9.58
C LEU A 49 -8.30 -39.22 11.12
N PRO A 50 -8.09 -40.35 11.85
CA PRO A 50 -8.16 -40.28 13.31
C PRO A 50 -7.16 -39.29 13.88
N ASP A 51 -7.51 -38.68 15.02
CA ASP A 51 -6.64 -37.70 15.69
C ASP A 51 -5.32 -38.31 16.18
N SER A 52 -5.23 -39.65 16.34
CA SER A 52 -3.97 -40.30 16.70
C SER A 52 -2.99 -40.20 15.53
N LYS A 53 -3.50 -40.27 14.28
CA LYS A 53 -2.69 -40.16 13.08
C LYS A 53 -2.41 -38.69 12.77
N LYS A 54 -3.39 -37.78 12.94
CA LYS A 54 -3.12 -36.34 12.74
C LYS A 54 -2.00 -35.88 13.69
N LYS A 55 -1.96 -36.41 14.93
CA LYS A 55 -0.93 -36.06 15.91
C LYS A 55 0.51 -36.40 15.39
N ILE A 56 0.68 -37.46 14.57
CA ILE A 56 2.00 -37.82 14.02
C ILE A 56 2.52 -36.67 13.17
N TYR A 57 1.61 -36.06 12.35
CA TYR A 57 1.94 -34.91 11.49
C TYR A 57 2.10 -33.65 12.31
N GLN A 58 1.28 -33.49 13.36
CA GLN A 58 1.32 -32.33 14.27
C GLN A 58 2.62 -32.32 15.09
N ASP A 59 3.08 -33.50 15.56
CA ASP A 59 4.32 -33.68 16.31
C ASP A 59 5.52 -33.33 15.45
N ALA A 60 5.50 -33.69 14.14
CA ALA A 60 6.59 -33.36 13.23
C ALA A 60 6.64 -31.85 13.02
N TYR A 61 5.46 -31.23 12.86
CA TYR A 61 5.38 -29.77 12.70
C TYR A 61 5.97 -29.09 13.91
N ARG A 62 5.54 -29.48 15.12
CA ARG A 62 6.03 -28.89 16.37
C ARG A 62 7.50 -29.06 16.52
N ALA A 63 8.03 -30.25 16.16
CA ALA A 63 9.46 -30.51 16.24
C ALA A 63 10.23 -29.64 15.26
N GLU A 64 9.69 -29.41 14.04
CA GLU A 64 10.32 -28.55 13.02
C GLU A 64 10.19 -27.08 13.41
N TRP A 65 9.10 -26.70 14.12
CA TRP A 65 8.93 -25.34 14.62
C TRP A 65 10.05 -25.00 15.59
N GLN A 66 10.52 -25.95 16.40
CA GLN A 66 11.64 -25.68 17.30
C GLN A 66 12.93 -25.48 16.52
N VAL A 67 13.10 -26.18 15.37
CA VAL A 67 14.30 -26.01 14.52
C VAL A 67 14.25 -24.61 13.90
N TYR A 68 13.05 -24.18 13.49
CA TYR A 68 12.85 -22.88 12.86
C TYR A 68 13.24 -21.75 13.79
N LYS A 69 12.65 -21.72 14.99
CA LYS A 69 12.96 -20.73 16.02
C LYS A 69 14.48 -20.59 16.20
N GLU A 70 15.19 -21.71 16.27
CA GLU A 70 16.64 -21.70 16.44
C GLU A 70 17.31 -21.09 15.22
N GLU A 71 17.00 -21.63 14.04
CA GLU A 71 17.53 -21.18 12.77
C GLU A 71 17.32 -19.68 12.54
N ILE A 72 16.10 -19.17 12.72
CA ILE A 72 15.77 -17.74 12.50
C ILE A 72 16.42 -16.80 13.52
N SER A 73 16.54 -17.24 14.80
CA SER A 73 17.18 -16.43 15.84
C SER A 73 18.65 -16.29 15.56
N ARG A 74 19.28 -17.38 15.26
CA ARG A 74 20.69 -17.32 14.95
C ARG A 74 20.93 -16.58 13.62
N PHE A 75 19.95 -16.58 12.67
CA PHE A 75 20.09 -15.84 11.41
C PHE A 75 19.99 -14.33 11.64
N LYS A 76 18.87 -13.87 12.17
CA LYS A 76 18.64 -12.42 12.38
C LYS A 76 19.76 -11.81 13.22
N GLU A 77 20.24 -12.51 14.26
CA GLU A 77 21.24 -11.91 15.14
C GLU A 77 22.68 -11.86 14.52
N GLN A 78 23.01 -12.61 13.44
CA GLN A 78 24.29 -12.46 12.72
C GLN A 78 24.18 -11.43 11.55
N LEU A 79 23.01 -10.77 11.33
CA LEU A 79 22.88 -9.80 10.25
C LEU A 79 23.37 -8.43 10.66
N THR A 80 24.04 -7.74 9.73
CA THR A 80 24.53 -6.38 9.96
C THR A 80 23.34 -5.43 9.81
N PRO A 81 23.39 -4.20 10.34
CA PRO A 81 22.28 -3.26 10.13
C PRO A 81 21.87 -3.04 8.68
N SER A 82 22.83 -3.13 7.78
CA SER A 82 22.59 -2.96 6.35
C SER A 82 21.82 -4.15 5.80
N GLN A 83 22.11 -5.37 6.28
CA GLN A 83 21.41 -6.60 5.88
C GLN A 83 20.01 -6.64 6.50
N ILE A 84 19.82 -6.07 7.71
CA ILE A 84 18.48 -6.01 8.30
C ILE A 84 17.62 -5.08 7.46
N MET A 85 18.12 -3.91 7.06
CA MET A 85 17.39 -2.98 6.18
C MET A 85 17.08 -3.66 4.87
N SER A 86 18.08 -4.30 4.25
CA SER A 86 17.89 -5.00 2.97
C SER A 86 16.78 -6.06 3.07
N LEU A 87 16.76 -6.90 4.13
CA LEU A 87 15.72 -7.93 4.33
C LEU A 87 14.34 -7.28 4.40
N GLU A 88 14.19 -6.20 5.19
CA GLU A 88 12.95 -5.45 5.33
C GLU A 88 12.54 -4.81 4.02
N LYS A 89 13.46 -4.24 3.24
CA LYS A 89 13.11 -3.66 1.94
C LYS A 89 12.67 -4.76 0.99
N GLU A 90 13.36 -5.92 0.94
CA GLU A 90 12.99 -7.04 0.07
C GLU A 90 11.60 -7.57 0.38
N ILE A 91 11.28 -7.71 1.69
CA ILE A 91 9.94 -8.17 2.09
C ILE A 91 8.90 -7.15 1.64
N MET A 92 9.12 -5.85 1.91
CA MET A 92 8.23 -4.73 1.53
C MET A 92 8.02 -4.69 0.02
N ASP A 93 9.09 -4.78 -0.77
CA ASP A 93 8.97 -4.76 -2.24
C ASP A 93 8.11 -5.90 -2.82
N LYS A 94 8.26 -7.11 -2.24
CA LYS A 94 7.56 -8.32 -2.66
C LYS A 94 6.08 -8.16 -2.38
N HIS A 95 5.76 -7.68 -1.18
CA HIS A 95 4.39 -7.41 -0.73
C HIS A 95 3.71 -6.38 -1.63
N LEU A 96 4.42 -5.30 -1.98
CA LEU A 96 3.86 -4.27 -2.86
C LEU A 96 3.68 -4.79 -4.27
N LYS A 97 4.60 -5.64 -4.77
CA LYS A 97 4.45 -6.21 -6.12
C LYS A 97 3.18 -7.06 -6.17
N ARG A 98 2.92 -7.84 -5.10
CA ARG A 98 1.76 -8.69 -5.01
C ARG A 98 0.51 -7.83 -4.86
N LYS A 99 0.53 -6.74 -4.08
CA LYS A 99 -0.67 -5.88 -3.94
C LYS A 99 -0.97 -5.17 -5.27
N ALA A 100 0.03 -4.59 -5.94
CA ALA A 100 -0.16 -3.94 -7.24
C ALA A 100 -0.76 -4.89 -8.28
N MET A 101 -0.23 -6.12 -8.33
CA MET A 101 -0.67 -7.14 -9.28
C MET A 101 -2.09 -7.58 -8.98
N THR A 102 -2.44 -7.74 -7.69
CA THR A 102 -3.79 -8.12 -7.25
C THR A 102 -4.79 -7.04 -7.66
N LYS A 103 -4.43 -5.75 -7.47
CA LYS A 103 -5.29 -4.62 -7.86
C LYS A 103 -5.52 -4.59 -9.37
N LYS A 104 -4.50 -4.84 -10.19
CA LYS A 104 -4.68 -4.84 -11.65
C LYS A 104 -5.65 -5.95 -12.08
N LYS A 105 -5.58 -7.14 -11.46
CA LYS A 105 -6.46 -8.26 -11.80
C LYS A 105 -7.89 -7.94 -11.37
N GLU A 106 -8.04 -7.24 -10.24
CA GLU A 106 -9.33 -6.83 -9.68
C GLU A 106 -9.98 -5.81 -10.61
N LEU A 107 -9.22 -4.78 -11.01
CA LEU A 107 -9.76 -3.77 -11.91
C LEU A 107 -10.15 -4.35 -13.27
N THR A 108 -9.43 -5.37 -13.76
CA THR A 108 -9.78 -6.03 -15.02
C THR A 108 -11.11 -6.79 -14.84
N LEU A 109 -11.33 -7.43 -13.68
CA LEU A 109 -12.62 -8.10 -13.42
C LEU A 109 -13.74 -7.08 -13.33
N LEU A 110 -13.49 -5.91 -12.71
CA LEU A 110 -14.47 -4.82 -12.64
C LEU A 110 -14.67 -4.10 -14.01
N GLY A 111 -13.87 -4.46 -15.02
CA GLY A 111 -13.96 -3.93 -16.37
C GLY A 111 -13.61 -2.47 -16.45
N LYS A 112 -12.48 -2.07 -15.84
CA LYS A 112 -12.10 -0.67 -15.84
C LYS A 112 -11.76 -0.26 -17.27
N PRO A 113 -12.24 0.90 -17.75
CA PRO A 113 -11.90 1.30 -19.11
C PRO A 113 -10.39 1.48 -19.30
N LYS A 114 -9.90 1.28 -20.52
CA LYS A 114 -8.48 1.54 -20.80
C LYS A 114 -8.36 3.06 -20.86
N ARG A 115 -7.20 3.56 -20.54
CA ARG A 115 -6.91 4.99 -20.62
C ARG A 115 -6.79 5.46 -22.04
N PRO A 116 -6.77 6.76 -22.32
CA PRO A 116 -6.72 7.14 -23.73
C PRO A 116 -5.42 6.67 -24.36
N ARG A 117 -5.52 6.24 -25.58
CA ARG A 117 -4.39 5.73 -26.34
C ARG A 117 -4.04 6.91 -27.24
N SER A 118 -2.80 7.42 -27.10
CA SER A 118 -2.30 8.57 -27.85
C SER A 118 -2.14 8.24 -29.33
N ALA A 119 -1.88 9.25 -30.17
CA ALA A 119 -1.67 8.99 -31.59
C ALA A 119 -0.50 7.99 -31.78
N TYR A 120 0.58 8.11 -30.99
CA TYR A 120 1.68 7.16 -31.07
C TYR A 120 1.23 5.72 -30.74
N ASN A 121 0.35 5.55 -29.71
CA ASN A 121 -0.17 4.23 -29.32
C ASN A 121 -1.03 3.64 -30.42
N VAL A 122 -1.81 4.51 -31.11
CA VAL A 122 -2.66 4.10 -32.24
C VAL A 122 -1.71 3.65 -33.36
N TYR A 123 -0.62 4.41 -33.59
CA TYR A 123 0.40 4.08 -34.58
C TYR A 123 0.98 2.70 -34.26
N VAL A 124 1.56 2.54 -33.07
CA VAL A 124 2.15 1.26 -32.64
C VAL A 124 1.16 0.08 -32.86
N ALA A 125 -0.14 0.30 -32.69
CA ALA A 125 -1.14 -0.76 -32.93
C ALA A 125 -1.36 -0.98 -34.43
N GLU A 126 -1.66 0.10 -35.19
CA GLU A 126 -1.94 0.02 -36.63
C GLU A 126 -0.76 -0.41 -37.53
N ARG A 127 0.53 -0.23 -37.09
CA ARG A 127 1.70 -0.47 -37.94
C ARG A 127 2.92 -1.01 -37.18
N PHE A 128 2.73 -2.02 -36.30
CA PHE A 128 3.84 -2.65 -35.57
C PHE A 128 4.39 -3.88 -36.28
N GLN A 129 3.53 -4.89 -36.59
CA GLN A 129 3.99 -6.14 -37.23
C GLN A 129 4.57 -5.90 -38.64
N GLU A 130 4.32 -4.70 -39.23
CA GLU A 130 4.97 -4.25 -40.47
C GLU A 130 6.48 -4.10 -40.21
N ALA A 131 6.83 -3.35 -39.13
CA ALA A 131 8.20 -3.02 -38.72
C ALA A 131 9.19 -4.19 -38.73
N LYS A 132 10.37 -3.97 -39.37
CA LYS A 132 11.42 -4.98 -39.53
C LYS A 132 12.07 -5.24 -38.16
N GLY A 133 12.17 -6.50 -37.76
CA GLY A 133 12.74 -6.85 -36.47
C GLY A 133 12.59 -8.31 -36.11
N ASP A 134 13.70 -8.94 -35.67
CA ASP A 134 13.73 -10.35 -35.27
C ASP A 134 13.45 -10.54 -33.78
N SER A 135 13.03 -9.44 -33.10
CA SER A 135 12.64 -9.43 -31.69
C SER A 135 11.49 -8.42 -31.54
N PRO A 136 10.45 -8.65 -30.69
CA PRO A 136 9.43 -7.60 -30.52
C PRO A 136 10.04 -6.24 -30.10
N GLN A 137 11.15 -6.24 -29.33
CA GLN A 137 11.84 -5.01 -28.90
C GLN A 137 12.46 -4.28 -30.10
N GLU A 138 13.00 -5.01 -31.09
CA GLU A 138 13.57 -4.37 -32.27
C GLU A 138 12.47 -3.88 -33.24
N LYS A 139 11.31 -4.59 -33.29
CA LYS A 139 10.18 -4.14 -34.13
C LYS A 139 9.62 -2.80 -33.58
N LEU A 140 9.76 -2.57 -32.24
CA LEU A 140 9.30 -1.33 -31.57
C LEU A 140 10.33 -0.25 -31.81
N LYS A 141 11.63 -0.57 -31.61
CA LYS A 141 12.74 0.35 -31.87
C LYS A 141 12.57 0.93 -33.29
N THR A 142 12.21 0.06 -34.26
CA THR A 142 11.92 0.47 -35.63
C THR A 142 10.70 1.38 -35.72
N VAL A 143 9.58 1.04 -35.05
CA VAL A 143 8.32 1.82 -35.02
C VAL A 143 8.54 3.29 -34.60
N LYS A 144 9.40 3.51 -33.61
CA LYS A 144 9.76 4.84 -33.11
C LYS A 144 10.35 5.74 -34.22
N GLU A 145 11.27 5.21 -35.07
CA GLU A 145 11.83 5.98 -36.20
C GLU A 145 10.81 6.26 -37.27
N ASN A 146 10.02 5.25 -37.65
CA ASN A 146 9.00 5.42 -38.69
C ASN A 146 7.95 6.45 -38.27
N TRP A 147 7.61 6.49 -36.95
CA TRP A 147 6.67 7.45 -36.39
C TRP A 147 7.17 8.88 -36.66
N LYS A 148 8.48 9.14 -36.43
CA LYS A 148 9.09 10.45 -36.70
C LYS A 148 9.07 10.75 -38.20
N ASN A 149 9.45 9.76 -39.06
CA ASN A 149 9.45 9.90 -40.53
C ASN A 149 8.04 10.17 -41.15
N LEU A 150 6.92 10.06 -40.38
CA LEU A 150 5.56 10.31 -40.88
C LEU A 150 5.37 11.71 -41.42
N SER A 151 4.69 11.83 -42.55
CA SER A 151 4.34 13.14 -43.09
C SER A 151 3.32 13.80 -42.16
N ASP A 152 3.34 15.13 -42.08
CA ASP A 152 2.43 15.89 -41.22
C ASP A 152 1.01 15.53 -41.57
N SER A 153 0.71 15.44 -42.88
CA SER A 153 -0.58 15.04 -43.42
C SER A 153 -1.08 13.72 -42.76
N GLU A 154 -0.21 12.70 -42.73
CA GLU A 154 -0.52 11.39 -42.19
C GLU A 154 -0.63 11.36 -40.66
N LYS A 155 0.27 12.05 -39.92
CA LYS A 155 0.20 11.98 -38.45
C LYS A 155 -1.10 12.64 -37.91
N GLU A 156 -1.70 13.62 -38.64
CA GLU A 156 -2.98 14.22 -38.23
C GLU A 156 -4.14 13.20 -38.29
N LEU A 157 -3.99 12.13 -39.08
CA LEU A 157 -4.93 11.00 -39.22
C LEU A 157 -4.94 10.20 -37.90
N TYR A 158 -3.76 10.05 -37.28
CA TYR A 158 -3.59 9.31 -36.04
C TYR A 158 -3.94 10.18 -34.85
N ILE A 159 -3.78 11.51 -34.98
CA ILE A 159 -4.17 12.46 -33.95
C ILE A 159 -5.69 12.48 -33.81
N GLN A 160 -6.47 12.38 -34.91
CA GLN A 160 -7.94 12.36 -34.82
C GLN A 160 -8.40 11.04 -34.21
N HIS A 161 -7.73 9.91 -34.54
CA HIS A 161 -8.05 8.62 -33.91
C HIS A 161 -7.81 8.76 -32.39
N ALA A 162 -6.73 9.45 -32.01
CA ALA A 162 -6.46 9.69 -30.59
C ALA A 162 -7.54 10.60 -30.02
N LYS A 163 -7.87 11.69 -30.73
CA LYS A 163 -8.89 12.65 -30.27
C LYS A 163 -10.21 11.98 -29.99
N GLU A 164 -10.69 11.11 -30.87
CA GLU A 164 -11.99 10.45 -30.70
C GLU A 164 -11.90 9.37 -29.60
N ASP A 165 -10.69 8.90 -29.26
CA ASP A 165 -10.51 7.96 -28.14
C ASP A 165 -10.52 8.69 -26.80
N GLU A 166 -10.19 10.00 -26.77
CA GLU A 166 -10.27 10.80 -25.54
C GLU A 166 -11.77 10.87 -25.17
N THR A 167 -12.63 11.12 -26.16
CA THR A 167 -14.05 11.17 -25.93
C THR A 167 -14.50 9.81 -25.38
N ARG A 168 -14.09 8.68 -26.02
CA ARG A 168 -14.42 7.34 -25.54
C ARG A 168 -13.99 7.14 -24.07
N TYR A 169 -12.80 7.63 -23.68
CA TYR A 169 -12.31 7.53 -22.31
C TYR A 169 -13.24 8.25 -21.34
N HIS A 170 -13.57 9.52 -21.60
CA HIS A 170 -14.46 10.29 -20.73
C HIS A 170 -15.83 9.66 -20.59
N ASN A 171 -16.39 9.16 -21.70
CA ASN A 171 -17.71 8.49 -21.70
C ASN A 171 -17.69 7.24 -20.86
N GLU A 172 -16.78 6.30 -21.17
CA GLU A 172 -16.63 5.03 -20.45
C GLU A 172 -16.28 5.23 -18.98
N MET A 173 -15.45 6.23 -18.66
CA MET A 173 -15.10 6.50 -17.25
C MET A 173 -16.29 7.00 -16.45
N LYS A 174 -17.11 7.88 -17.04
CA LYS A 174 -18.29 8.44 -16.40
C LYS A 174 -19.25 7.30 -16.07
N SER A 175 -19.38 6.36 -17.02
CA SER A 175 -20.23 5.19 -16.90
C SER A 175 -19.67 4.22 -15.86
N TRP A 176 -18.36 3.91 -15.93
CA TRP A 176 -17.74 2.95 -15.03
C TRP A 176 -17.73 3.49 -13.62
N GLU A 177 -17.31 4.73 -13.44
CA GLU A 177 -17.31 5.38 -12.14
C GLU A 177 -18.71 5.48 -11.55
N GLU A 178 -19.75 5.69 -12.37
CA GLU A 178 -21.13 5.66 -11.85
C GLU A 178 -21.45 4.26 -11.32
N GLN A 179 -21.03 3.23 -12.04
N GLN A 179 -20.95 3.23 -12.01
CA GLN A 179 -21.22 1.84 -11.67
CA GLN A 179 -21.25 1.84 -11.59
C GLN A 179 -20.46 1.46 -10.39
C GLN A 179 -20.49 1.52 -10.30
N MET A 180 -19.27 2.04 -10.15
CA MET A 180 -18.47 1.72 -8.95
C MET A 180 -19.14 2.31 -7.71
N ILE A 181 -19.69 3.53 -7.79
CA ILE A 181 -20.41 4.03 -6.63
C ILE A 181 -21.56 3.03 -6.25
N GLU A 182 -22.27 2.48 -7.26
CA GLU A 182 -23.36 1.53 -7.06
C GLU A 182 -22.94 0.20 -6.50
N VAL A 183 -21.79 -0.32 -6.94
CA VAL A 183 -21.22 -1.56 -6.44
C VAL A 183 -20.61 -1.34 -5.02
N GLY A 184 -20.51 -0.08 -4.58
CA GLY A 184 -20.01 0.30 -3.28
C GLY A 184 -18.49 0.44 -3.25
N ARG A 185 -17.89 0.86 -4.37
CA ARG A 185 -16.46 1.04 -4.53
C ARG A 185 -16.17 2.47 -4.93
N LYS A 186 -16.61 3.42 -4.10
CA LYS A 186 -16.38 4.85 -4.28
C LYS A 186 -14.88 5.15 -4.17
N ASP A 187 -14.08 4.25 -3.54
CA ASP A 187 -12.62 4.33 -3.45
C ASP A 187 -11.91 4.24 -4.80
N LEU A 188 -12.49 3.55 -5.79
CA LEU A 188 -11.87 3.37 -7.10
C LEU A 188 -12.03 4.60 -8.00
N LEU A 189 -12.72 5.67 -7.50
CA LEU A 189 -12.93 6.91 -8.25
C LEU A 189 -11.74 7.88 -8.23
N ARG A 190 -11.55 8.59 -9.34
CA ARG A 190 -10.52 9.60 -9.51
C ARG A 190 -10.86 10.76 -8.63
N ARG A 191 -9.84 11.28 -7.92
CA ARG A 191 -10.05 12.48 -7.08
C ARG A 191 -9.92 13.68 -8.00
N THR A 192 -8.87 13.70 -8.83
CA THR A 192 -8.76 14.77 -9.85
C THR A 192 -9.19 14.18 -11.19
N ILE A 193 -10.43 14.46 -11.60
CA ILE A 193 -10.94 13.98 -12.91
C ILE A 193 -10.53 15.05 -13.92
N LYS A 194 -9.22 15.23 -14.10
CA LYS A 194 -8.80 16.38 -14.96
C LYS A 194 -9.60 17.63 -14.59
N SER B 2 20.03 8.30 8.82
CA SER B 2 19.06 8.70 7.80
C SER B 2 19.71 9.47 6.65
N VAL B 3 19.67 8.88 5.46
CA VAL B 3 20.19 9.40 4.19
C VAL B 3 19.25 10.50 3.69
N LEU B 4 17.94 10.22 3.71
CA LEU B 4 16.90 11.19 3.28
C LEU B 4 17.04 12.58 3.97
N ALA B 5 17.36 12.60 5.28
CA ALA B 5 17.53 13.85 6.04
C ALA B 5 18.46 14.84 5.35
N SER B 6 19.61 14.36 4.84
CA SER B 6 20.63 15.19 4.19
C SER B 6 20.44 15.37 2.68
N CYS B 7 19.49 14.67 2.10
CA CYS B 7 19.27 14.73 0.67
C CYS B 7 18.79 16.09 0.16
N PRO B 8 19.42 16.69 -0.90
CA PRO B 8 18.90 17.95 -1.46
C PRO B 8 17.41 17.87 -1.78
N LYS B 9 16.64 18.85 -1.38
CA LYS B 9 15.21 18.75 -1.64
C LYS B 9 14.92 19.55 -2.89
N LYS B 10 13.79 19.28 -3.50
CA LYS B 10 13.48 19.92 -4.79
C LYS B 10 12.93 21.33 -4.56
N PRO B 11 13.17 22.28 -5.49
CA PRO B 11 12.67 23.64 -5.29
C PRO B 11 11.15 23.70 -5.41
N VAL B 12 10.50 24.66 -4.74
CA VAL B 12 9.05 24.78 -4.81
C VAL B 12 8.68 25.51 -6.08
N SER B 13 7.51 25.19 -6.67
CA SER B 13 7.01 25.81 -7.90
C SER B 13 6.74 27.33 -7.69
N SER B 14 6.58 28.09 -8.79
CA SER B 14 6.41 29.54 -8.73
C SER B 14 5.34 30.05 -7.78
N TYR B 15 4.15 29.42 -7.73
CA TYR B 15 3.10 29.95 -6.85
C TYR B 15 3.50 29.79 -5.40
N LEU B 16 4.05 28.62 -5.00
CA LEU B 16 4.52 28.44 -3.63
C LEU B 16 5.68 29.41 -3.31
N ARG B 17 6.48 29.84 -4.29
CA ARG B 17 7.55 30.83 -3.97
C ARG B 17 6.86 32.16 -3.59
N PHE B 18 5.93 32.62 -4.42
CA PHE B 18 5.14 33.83 -4.17
C PHE B 18 4.40 33.73 -2.82
N SER B 19 3.73 32.60 -2.59
CA SER B 19 2.97 32.34 -1.37
C SER B 19 3.82 32.54 -0.12
N LYS B 20 5.13 32.14 -0.18
CA LYS B 20 6.08 32.23 0.93
C LYS B 20 6.34 33.64 1.37
N GLU B 21 6.68 34.50 0.42
CA GLU B 21 6.99 35.86 0.78
C GLU B 21 5.69 36.57 1.23
N GLN B 22 4.54 36.27 0.59
CA GLN B 22 3.27 36.93 0.90
C GLN B 22 2.64 36.54 2.23
N LEU B 23 2.81 35.30 2.70
CA LEU B 23 2.12 34.91 3.95
C LEU B 23 2.49 35.78 5.14
N PRO B 24 3.79 36.04 5.42
CA PRO B 24 4.15 36.97 6.52
C PRO B 24 3.49 38.34 6.41
N ILE B 25 3.40 38.88 5.18
CA ILE B 25 2.80 40.20 4.93
C ILE B 25 1.32 40.11 5.28
N PHE B 26 0.62 39.11 4.71
CA PHE B 26 -0.82 38.94 4.98
C PHE B 26 -1.08 38.68 6.48
N LYS B 27 -0.22 37.86 7.10
CA LYS B 27 -0.36 37.52 8.52
C LYS B 27 -0.20 38.76 9.37
N ALA B 28 0.86 39.56 9.12
CA ALA B 28 1.15 40.80 9.84
C ALA B 28 0.01 41.79 9.72
N GLN B 29 -0.62 41.89 8.52
CA GLN B 29 -1.74 42.82 8.29
C GLN B 29 -3.04 42.30 8.94
N ASN B 30 -3.31 40.98 8.94
CA ASN B 30 -4.51 40.36 9.53
C ASN B 30 -4.08 39.28 10.57
N PRO B 31 -3.69 39.68 11.80
CA PRO B 31 -3.17 38.68 12.76
C PRO B 31 -4.21 37.77 13.39
N ASP B 32 -5.50 38.17 13.46
CA ASP B 32 -6.55 37.32 14.01
C ASP B 32 -7.27 36.48 12.89
N ALA B 33 -6.70 36.44 11.65
CA ALA B 33 -7.31 35.70 10.54
C ALA B 33 -6.81 34.28 10.52
N LYS B 34 -7.65 33.36 10.02
CA LYS B 34 -7.26 31.95 9.91
C LYS B 34 -6.31 31.80 8.74
N THR B 35 -5.17 31.07 8.90
CA THR B 35 -4.22 30.79 7.82
C THR B 35 -4.90 30.30 6.55
N THR B 36 -5.98 29.55 6.70
CA THR B 36 -6.75 29.05 5.57
C THR B 36 -7.30 30.25 4.73
N GLU B 37 -7.79 31.30 5.40
CA GLU B 37 -8.31 32.48 4.71
C GLU B 37 -7.20 33.33 4.08
N LEU B 38 -6.00 33.38 4.69
CA LEU B 38 -4.88 34.12 4.11
C LEU B 38 -4.41 33.44 2.81
N ILE B 39 -4.23 32.12 2.84
CA ILE B 39 -3.85 31.37 1.64
C ILE B 39 -4.91 31.55 0.53
N ARG B 40 -6.23 31.57 0.87
CA ARG B 40 -7.29 31.82 -0.13
C ARG B 40 -7.11 33.18 -0.81
N ARG B 41 -6.87 34.23 0.00
CA ARG B 41 -6.63 35.56 -0.51
C ARG B 41 -5.27 35.62 -1.22
N ILE B 42 -4.26 34.85 -0.77
CA ILE B 42 -2.98 34.87 -1.48
C ILE B 42 -3.11 34.28 -2.88
N ALA B 43 -3.87 33.18 -3.04
CA ALA B 43 -4.10 32.59 -4.37
C ALA B 43 -4.79 33.57 -5.28
N GLN B 44 -5.73 34.35 -4.72
CA GLN B 44 -6.44 35.38 -5.46
C GLN B 44 -5.47 36.39 -6.04
N ARG B 45 -4.47 36.83 -5.25
CA ARG B 45 -3.45 37.78 -5.71
C ARG B 45 -2.64 37.18 -6.84
N TRP B 46 -2.28 35.88 -6.71
CA TRP B 46 -1.53 35.17 -7.74
C TRP B 46 -2.33 35.15 -9.02
N ARG B 47 -3.62 34.72 -8.98
CA ARG B 47 -4.47 34.72 -10.17
C ARG B 47 -4.43 36.09 -10.85
N GLU B 48 -4.61 37.18 -10.06
CA GLU B 48 -4.63 38.58 -10.54
C GLU B 48 -3.28 39.07 -11.05
N LEU B 49 -2.18 38.46 -10.63
CA LEU B 49 -0.81 38.89 -10.98
C LEU B 49 -0.53 38.79 -12.49
N PRO B 50 -0.02 39.85 -13.18
CA PRO B 50 0.29 39.70 -14.60
C PRO B 50 1.28 38.59 -14.87
N ASP B 51 1.17 37.95 -16.04
CA ASP B 51 2.07 36.85 -16.43
C ASP B 51 3.54 37.30 -16.56
N SER B 52 3.81 38.60 -16.75
CA SER B 52 5.18 39.10 -16.79
C SER B 52 5.81 38.98 -15.40
N LYS B 53 4.99 39.18 -14.32
CA LYS B 53 5.44 39.07 -12.93
C LYS B 53 5.47 37.60 -12.52
N LYS B 54 4.49 36.77 -12.92
CA LYS B 54 4.54 35.32 -12.62
C LYS B 54 5.81 34.71 -13.21
N LYS B 55 6.24 35.16 -14.41
CA LYS B 55 7.47 34.67 -15.06
C LYS B 55 8.74 34.92 -14.18
N ILE B 56 8.79 36.00 -13.37
CA ILE B 56 9.92 36.29 -12.48
C ILE B 56 10.07 35.14 -11.50
N TYR B 57 8.93 34.64 -10.96
CA TYR B 57 8.90 33.51 -10.02
C TYR B 57 9.21 32.19 -10.75
N GLN B 58 8.77 32.02 -12.01
CA GLN B 58 9.06 30.80 -12.77
C GLN B 58 10.53 30.74 -13.17
N ASP B 59 11.08 31.88 -13.58
CA ASP B 59 12.50 31.96 -13.93
C ASP B 59 13.38 31.58 -12.74
N ALA B 60 12.98 31.96 -11.51
CA ALA B 60 13.72 31.61 -10.29
C ALA B 60 13.60 30.12 -10.05
N TYR B 61 12.41 29.56 -10.26
CA TYR B 61 12.19 28.12 -10.13
C TYR B 61 13.09 27.37 -11.07
N ARG B 62 13.08 27.74 -12.36
CA ARG B 62 13.91 27.09 -13.39
C ARG B 62 15.37 27.20 -13.07
N ALA B 63 15.81 28.35 -12.59
CA ALA B 63 17.21 28.55 -12.21
C ALA B 63 17.58 27.67 -11.02
N GLU B 64 16.68 27.52 -10.02
CA GLU B 64 16.90 26.66 -8.84
C GLU B 64 16.82 25.19 -9.22
N TRP B 65 15.99 24.84 -10.23
CA TRP B 65 15.92 23.47 -10.75
C TRP B 65 17.28 23.05 -11.30
N GLN B 66 18.04 23.95 -11.94
CA GLN B 66 19.37 23.60 -12.42
C GLN B 66 20.32 23.37 -11.26
N VAL B 67 20.15 24.11 -10.13
CA VAL B 67 21.01 23.93 -8.94
C VAL B 67 20.69 22.56 -8.34
N TYR B 68 19.39 22.19 -8.33
CA TYR B 68 18.93 20.91 -7.77
C TYR B 68 19.56 19.76 -8.50
N LYS B 69 19.39 19.71 -9.83
CA LYS B 69 19.98 18.65 -10.67
C LYS B 69 21.45 18.45 -10.34
N GLU B 70 22.21 19.54 -10.20
CA GLU B 70 23.64 19.46 -9.90
C GLU B 70 23.85 18.86 -8.50
N GLU B 71 23.25 19.48 -7.46
CA GLU B 71 23.33 19.03 -6.06
C GLU B 71 22.97 17.56 -5.88
N ILE B 72 21.79 17.12 -6.45
CA ILE B 72 21.34 15.73 -6.32
C ILE B 72 22.25 14.73 -7.02
N SER B 73 22.79 15.05 -8.19
CA SER B 73 23.66 14.11 -8.89
C SER B 73 24.99 13.99 -8.12
N ARG B 74 25.56 15.08 -7.63
CA ARG B 74 26.85 14.85 -6.92
C ARG B 74 26.62 14.28 -5.52
N PHE B 75 25.44 14.48 -4.93
CA PHE B 75 25.11 13.82 -3.64
C PHE B 75 24.96 12.31 -3.82
N LYS B 76 24.24 11.89 -4.87
CA LYS B 76 23.97 10.44 -5.07
C LYS B 76 25.23 9.73 -5.53
N GLU B 77 26.12 10.43 -6.25
CA GLU B 77 27.38 9.82 -6.71
C GLU B 77 28.24 9.44 -5.49
N GLN B 78 28.18 10.25 -4.44
CA GLN B 78 29.03 9.97 -3.28
C GLN B 78 28.36 8.95 -2.31
N LEU B 79 27.14 8.42 -2.61
CA LEU B 79 26.49 7.43 -1.75
C LEU B 79 26.96 6.01 -2.04
N THR B 80 27.14 5.22 -0.99
CA THR B 80 27.53 3.83 -1.10
C THR B 80 26.29 3.04 -1.51
N PRO B 81 26.42 1.82 -2.08
CA PRO B 81 25.23 1.01 -2.40
C PRO B 81 24.26 0.80 -1.24
N SER B 82 24.78 0.75 -0.03
CA SER B 82 23.97 0.55 1.16
C SER B 82 23.18 1.82 1.47
N GLN B 83 23.78 3.01 1.24
CA GLN B 83 23.10 4.30 1.44
C GLN B 83 22.07 4.54 0.34
N ILE B 84 22.30 4.04 -0.89
CA ILE B 84 21.31 4.16 -1.96
C ILE B 84 20.08 3.34 -1.59
N MET B 85 20.27 2.10 -1.12
CA MET B 85 19.16 1.24 -0.71
C MET B 85 18.43 1.87 0.48
N SER B 86 19.17 2.40 1.48
CA SER B 86 18.58 3.09 2.64
C SER B 86 17.72 4.28 2.21
N LEU B 87 18.20 5.14 1.29
CA LEU B 87 17.43 6.30 0.80
C LEU B 87 16.11 5.84 0.16
N GLU B 88 16.16 4.82 -0.72
CA GLU B 88 14.98 4.26 -1.36
C GLU B 88 14.02 3.66 -0.34
N LYS B 89 14.51 2.94 0.68
CA LYS B 89 13.63 2.38 1.71
C LYS B 89 12.99 3.52 2.50
N GLU B 90 13.77 4.57 2.89
CA GLU B 90 13.24 5.71 3.65
C GLU B 90 12.15 6.44 2.88
N ILE B 91 12.33 6.65 1.58
CA ILE B 91 11.29 7.30 0.76
C ILE B 91 10.02 6.46 0.75
N MET B 92 10.12 5.17 0.46
CA MET B 92 8.95 4.33 0.44
C MET B 92 8.30 4.28 1.84
N ASP B 93 9.06 4.06 2.92
CA ASP B 93 8.48 4.03 4.28
C ASP B 93 7.68 5.30 4.62
N LYS B 94 8.16 6.48 4.20
CA LYS B 94 7.55 7.78 4.45
C LYS B 94 6.20 7.83 3.76
N HIS B 95 6.19 7.42 2.50
CA HIS B 95 4.98 7.37 1.68
C HIS B 95 3.93 6.44 2.31
N LEU B 96 4.34 5.27 2.78
CA LEU B 96 3.43 4.33 3.41
C LEU B 96 2.96 4.84 4.78
N LYS B 97 3.82 5.52 5.54
CA LYS B 97 3.45 6.10 6.85
C LYS B 97 2.36 7.14 6.63
N ARG B 98 2.45 7.94 5.57
CA ARG B 98 1.48 8.95 5.23
C ARG B 98 0.19 8.27 4.78
N LYS B 99 0.25 7.20 3.99
CA LYS B 99 -0.94 6.47 3.55
C LYS B 99 -1.69 5.89 4.76
N ALA B 100 -0.97 5.16 5.59
CA ALA B 100 -1.52 4.52 6.79
C ALA B 100 -2.17 5.55 7.73
N MET B 101 -1.50 6.67 7.95
CA MET B 101 -1.95 7.75 8.84
C MET B 101 -3.21 8.40 8.28
N THR B 102 -3.27 8.63 6.97
CA THR B 102 -4.44 9.21 6.29
C THR B 102 -5.65 8.28 6.46
N LYS B 103 -5.45 6.95 6.29
CA LYS B 103 -6.51 5.96 6.45
C LYS B 103 -7.03 5.94 7.89
N LYS B 104 -6.16 6.02 8.91
CA LYS B 104 -6.59 6.02 10.30
C LYS B 104 -7.45 7.26 10.61
N LYS B 105 -7.12 8.43 10.05
CA LYS B 105 -7.89 9.67 10.27
C LYS B 105 -9.23 9.57 9.59
N GLU B 106 -9.27 8.92 8.42
CA GLU B 106 -10.48 8.72 7.63
C GLU B 106 -11.42 7.77 8.38
N LEU B 107 -10.90 6.64 8.87
CA LEU B 107 -11.73 5.69 9.62
C LEU B 107 -12.27 6.30 10.91
N THR B 108 -11.51 7.20 11.56
CA THR B 108 -12.00 7.89 12.77
C THR B 108 -13.16 8.82 12.38
N LEU B 109 -13.08 9.52 11.22
CA LEU B 109 -14.20 10.35 10.78
C LEU B 109 -15.41 9.51 10.44
N LEU B 110 -15.21 8.33 9.83
CA LEU B 110 -16.30 7.39 9.53
C LEU B 110 -16.84 6.68 10.80
N GLY B 111 -16.20 6.90 11.97
CA GLY B 111 -16.60 6.37 13.25
C GLY B 111 -16.48 4.87 13.32
N LYS B 112 -15.34 4.33 12.93
CA LYS B 112 -15.17 2.89 12.94
C LYS B 112 -15.19 2.39 14.39
N PRO B 113 -15.91 1.30 14.71
CA PRO B 113 -15.91 0.80 16.09
C PRO B 113 -14.52 0.39 16.56
N LYS B 114 -14.26 0.48 17.86
CA LYS B 114 -13.00 0.01 18.41
C LYS B 114 -13.08 -1.51 18.41
N ARG B 115 -11.95 -2.18 18.30
CA ARG B 115 -11.89 -3.64 18.32
C ARG B 115 -12.14 -4.16 19.72
N PRO B 116 -12.33 -5.49 19.95
CA PRO B 116 -12.70 -5.97 21.27
C PRO B 116 -11.57 -5.79 22.28
N ARG B 117 -11.86 -5.12 23.41
CA ARG B 117 -10.84 -5.00 24.47
C ARG B 117 -10.67 -6.36 25.14
N SER B 118 -9.44 -6.78 25.37
CA SER B 118 -9.14 -8.09 26.02
C SER B 118 -9.26 -7.96 27.53
N ALA B 119 -9.17 -9.07 28.25
CA ALA B 119 -9.23 -9.03 29.73
C ALA B 119 -8.06 -8.21 30.25
N TYR B 120 -6.88 -8.36 29.65
CA TYR B 120 -5.71 -7.54 30.05
C TYR B 120 -6.08 -6.07 29.80
N ASN B 121 -6.69 -5.80 28.64
CA ASN B 121 -7.02 -4.41 28.29
C ASN B 121 -7.94 -3.77 29.33
N VAL B 122 -8.98 -4.50 29.76
CA VAL B 122 -9.93 -4.01 30.75
C VAL B 122 -9.30 -3.89 32.14
N TYR B 123 -8.24 -4.70 32.44
CA TYR B 123 -7.53 -4.61 33.73
C TYR B 123 -6.62 -3.38 33.75
N VAL B 124 -6.00 -3.03 32.62
CA VAL B 124 -5.13 -1.85 32.55
C VAL B 124 -5.96 -0.59 32.73
N ALA B 125 -7.07 -0.45 31.97
CA ALA B 125 -7.94 0.74 32.01
C ALA B 125 -8.37 1.15 33.41
N GLU B 126 -8.98 0.22 34.17
CA GLU B 126 -9.46 0.55 35.51
C GLU B 126 -8.35 0.67 36.57
N ARG B 127 -7.36 -0.24 36.59
CA ARG B 127 -6.28 -0.24 37.59
C ARG B 127 -4.98 0.48 37.17
N PHE B 128 -5.00 1.37 36.15
CA PHE B 128 -3.76 2.04 35.74
C PHE B 128 -3.24 3.07 36.73
N GLN B 129 -4.08 4.05 37.10
CA GLN B 129 -3.60 5.11 37.98
C GLN B 129 -3.41 4.67 39.43
N GLU B 130 -3.96 3.50 39.83
CA GLU B 130 -3.77 2.98 41.21
C GLU B 130 -2.40 2.26 41.34
N ALA B 131 -1.62 2.12 40.24
CA ALA B 131 -0.34 1.43 40.22
C ALA B 131 0.82 2.38 40.46
N LYS B 132 1.88 1.92 41.17
CA LYS B 132 3.08 2.73 41.42
C LYS B 132 3.91 2.80 40.12
N GLY B 133 4.51 3.95 39.87
CA GLY B 133 5.35 4.13 38.69
C GLY B 133 5.70 5.58 38.42
N ASP B 134 6.96 5.83 38.06
CA ASP B 134 7.46 7.18 37.79
C ASP B 134 7.08 7.67 36.39
N SER B 135 7.10 6.79 35.37
CA SER B 135 6.76 7.11 33.98
C SER B 135 5.54 6.23 33.55
N PRO B 136 4.71 6.63 32.54
CA PRO B 136 3.58 5.75 32.13
C PRO B 136 4.02 4.33 31.73
N GLN B 137 5.25 4.17 31.18
CA GLN B 137 5.80 2.85 30.81
C GLN B 137 6.07 2.01 32.07
N GLU B 138 6.55 2.67 33.12
CA GLU B 138 6.87 2.05 34.41
C GLU B 138 5.59 1.80 35.24
N LYS B 139 4.44 2.39 34.88
CA LYS B 139 3.16 2.13 35.56
C LYS B 139 2.60 0.86 34.95
N LEU B 140 2.67 0.73 33.59
CA LEU B 140 2.20 -0.46 32.86
C LEU B 140 2.95 -1.71 33.30
N LYS B 141 4.28 -1.62 33.60
CA LYS B 141 5.04 -2.76 34.11
C LYS B 141 4.46 -3.26 35.45
N THR B 142 3.95 -2.35 36.30
CA THR B 142 3.34 -2.71 37.59
C THR B 142 2.03 -3.43 37.35
N VAL B 143 1.22 -2.94 36.41
CA VAL B 143 -0.06 -3.56 36.08
C VAL B 143 0.17 -4.93 35.40
N LYS B 144 1.16 -5.00 34.49
CA LYS B 144 1.56 -6.25 33.81
C LYS B 144 2.00 -7.29 34.85
N GLU B 145 2.76 -6.87 35.89
CA GLU B 145 3.20 -7.77 36.98
C GLU B 145 2.03 -8.15 37.91
N ASN B 146 1.13 -7.19 38.24
CA ASN B 146 -0.05 -7.50 39.08
C ASN B 146 -1.19 -8.21 38.27
N TRP B 147 -1.10 -8.30 36.91
CA TRP B 147 -2.05 -9.06 36.06
C TRP B 147 -1.64 -10.52 36.11
N LYS B 148 -0.36 -10.77 35.82
CA LYS B 148 0.26 -12.10 35.85
C LYS B 148 -0.03 -12.82 37.20
N ASN B 149 0.15 -12.11 38.33
CA ASN B 149 -0.11 -12.64 39.69
C ASN B 149 -1.61 -12.83 40.05
N LEU B 150 -2.53 -12.33 39.21
CA LEU B 150 -3.99 -12.32 39.54
C LEU B 150 -4.57 -13.72 39.73
N SER B 151 -5.57 -13.82 40.63
CA SER B 151 -6.27 -15.11 40.84
C SER B 151 -7.19 -15.38 39.65
N ASP B 152 -7.51 -16.65 39.39
CA ASP B 152 -8.40 -17.02 38.27
C ASP B 152 -9.79 -16.39 38.49
N SER B 153 -10.28 -16.40 39.72
CA SER B 153 -11.59 -15.77 40.04
C SER B 153 -11.52 -14.27 39.79
N GLU B 154 -10.41 -13.63 40.17
CA GLU B 154 -10.22 -12.18 39.91
C GLU B 154 -10.18 -11.95 38.40
N LYS B 155 -9.52 -12.85 37.66
CA LYS B 155 -9.43 -12.71 36.19
C LYS B 155 -10.84 -12.77 35.60
N GLU B 156 -11.70 -13.64 36.15
CA GLU B 156 -13.08 -13.82 35.61
C GLU B 156 -13.86 -12.50 35.71
N LEU B 157 -13.68 -11.75 36.80
CA LEU B 157 -14.37 -10.45 36.96
C LEU B 157 -14.10 -9.59 35.72
N TYR B 158 -12.85 -9.58 35.25
CA TYR B 158 -12.47 -8.76 34.07
C TYR B 158 -12.88 -9.52 32.80
N ILE B 159 -12.64 -10.84 32.78
CA ILE B 159 -13.09 -11.69 31.67
C ILE B 159 -14.63 -11.50 31.43
N GLN B 160 -15.38 -10.98 32.43
CA GLN B 160 -16.82 -10.66 32.30
C GLN B 160 -16.97 -9.53 31.26
N HIS B 161 -16.12 -8.49 31.35
CA HIS B 161 -16.16 -7.38 30.40
C HIS B 161 -15.67 -7.79 29.03
N ALA B 162 -14.56 -8.58 28.97
CA ALA B 162 -13.95 -9.05 27.72
C ALA B 162 -14.92 -9.89 26.86
N LYS B 163 -15.90 -10.60 27.48
CA LYS B 163 -16.89 -11.39 26.74
C LYS B 163 -18.09 -10.55 26.34
N GLU B 164 -18.54 -9.60 27.21
CA GLU B 164 -19.66 -8.73 26.82
C GLU B 164 -19.19 -7.64 25.82
N ASP B 165 -17.88 -7.38 25.76
CA ASP B 165 -17.36 -6.43 24.79
C ASP B 165 -17.21 -7.10 23.42
N GLU B 166 -16.96 -8.43 23.39
CA GLU B 166 -16.85 -9.18 22.13
C GLU B 166 -18.21 -9.14 21.41
N THR B 167 -19.33 -9.13 22.19
CA THR B 167 -20.69 -8.97 21.68
C THR B 167 -20.84 -7.53 21.15
N ARG B 168 -20.42 -6.50 21.93
CA ARG B 168 -20.48 -5.09 21.50
C ARG B 168 -19.75 -4.89 20.16
N TYR B 169 -18.57 -5.53 19.98
CA TYR B 169 -17.79 -5.43 18.74
C TYR B 169 -18.60 -5.98 17.56
N HIS B 170 -19.14 -7.20 17.66
CA HIS B 170 -19.92 -7.81 16.57
C HIS B 170 -21.15 -6.97 16.21
N ASN B 171 -21.84 -6.45 17.22
CA ASN B 171 -23.03 -5.61 17.02
C ASN B 171 -22.68 -4.32 16.29
N GLU B 172 -21.75 -3.55 16.84
CA GLU B 172 -21.29 -2.28 16.25
C GLU B 172 -20.68 -2.46 14.86
N MET B 173 -19.93 -3.56 14.63
CA MET B 173 -19.36 -3.81 13.31
C MET B 173 -20.43 -4.12 12.26
N LYS B 174 -21.45 -4.95 12.55
CA LYS B 174 -22.50 -5.21 11.54
C LYS B 174 -23.27 -3.89 11.27
N SER B 175 -23.45 -3.03 12.28
CA SER B 175 -24.10 -1.74 12.09
C SER B 175 -23.22 -0.81 11.25
N TRP B 176 -21.92 -0.71 11.58
CA TRP B 176 -21.00 0.16 10.85
C TRP B 176 -20.78 -0.33 9.44
N GLU B 177 -20.47 -1.61 9.26
CA GLU B 177 -20.27 -2.18 7.93
C GLU B 177 -21.48 -2.01 6.99
N GLU B 178 -22.70 -2.17 7.52
CA GLU B 178 -23.91 -1.97 6.71
C GLU B 178 -24.05 -0.49 6.36
N GLN B 179 -23.58 0.44 7.24
CA GLN B 179 -23.60 1.90 6.98
C GLN B 179 -22.55 2.26 5.92
N MET B 180 -21.42 1.54 5.95
CA MET B 180 -20.38 1.76 4.96
C MET B 180 -20.85 1.33 3.57
N ILE B 181 -21.72 0.29 3.44
CA ILE B 181 -22.33 -0.07 2.16
C ILE B 181 -23.24 1.09 1.70
N GLU B 182 -23.98 1.75 2.62
CA GLU B 182 -24.84 2.90 2.28
C GLU B 182 -24.03 4.01 1.58
N VAL B 183 -22.94 4.41 2.22
CA VAL B 183 -22.04 5.46 1.73
C VAL B 183 -21.19 5.00 0.52
N GLY B 184 -21.23 3.70 0.19
CA GLY B 184 -20.55 3.16 -0.98
C GLY B 184 -19.10 2.83 -0.74
N ARG B 185 -18.79 2.32 0.48
CA ARG B 185 -17.45 1.95 0.89
C ARG B 185 -17.42 0.47 1.31
N LYS B 186 -17.84 -0.47 0.41
CA LYS B 186 -17.75 -1.94 0.67
C LYS B 186 -16.26 -2.32 0.87
N ASP B 187 -15.32 -1.53 0.30
CA ASP B 187 -13.88 -1.79 0.46
C ASP B 187 -13.44 -1.80 1.93
N LEU B 188 -14.15 -1.06 2.81
CA LEU B 188 -13.79 -0.97 4.23
C LEU B 188 -14.29 -2.18 5.04
N LEU B 189 -15.02 -3.13 4.43
CA LEU B 189 -15.52 -4.30 5.15
C LEU B 189 -14.48 -5.40 5.28
N ARG B 190 -14.71 -6.32 6.22
CA ARG B 190 -13.78 -7.42 6.45
C ARG B 190 -13.68 -8.43 5.27
N ARG B 191 -14.78 -9.14 4.90
CA ARG B 191 -14.78 -10.09 3.78
C ARG B 191 -13.75 -11.22 3.93
C1 EDO G . 23.34 -3.74 1.23
O1 EDO G . 23.15 -5.10 1.02
C2 EDO G . 23.03 -3.06 -0.12
O2 EDO G . 23.86 -3.67 -1.07
C1 EDO H . -11.61 16.91 -10.86
O1 EDO H . -10.89 18.09 -10.99
C2 EDO H . -12.98 17.29 -10.26
O2 EDO H . -13.55 16.11 -9.80
C1 PEG I . 13.94 -7.94 10.18
O1 PEG I . 13.77 -8.27 11.49
C2 PEG I . 12.75 -8.52 9.42
O2 PEG I . 12.37 -9.67 10.08
C3 PEG I . 11.45 -10.40 9.37
C4 PEG I . 12.06 -11.75 9.02
O4 PEG I . 11.42 -12.70 9.75
C1 EDO J . -25.61 -4.64 -3.92
O1 EDO J . -25.81 -3.57 -3.05
C2 EDO J . -24.50 -4.19 -4.90
O2 EDO J . -24.60 -5.02 -6.01
C1 EDO K . 27.91 20.48 -6.91
O1 EDO K . 28.88 20.92 -7.80
C2 EDO K . 28.55 19.31 -6.12
O2 EDO K . 27.51 18.49 -5.73
C1 EDO L . 20.64 26.33 -3.46
O1 EDO L . 19.81 25.21 -3.59
C2 EDO L . 19.93 27.60 -3.69
O2 EDO L . 20.01 28.03 -5.03
C1 PEG M . 1.44 46.04 10.26
O1 PEG M . 1.78 47.18 10.91
C2 PEG M . 2.71 45.42 9.77
O2 PEG M . 2.63 45.33 8.42
C3 PEG M . 3.79 44.90 7.88
C4 PEG M . 3.50 44.58 6.44
O4 PEG M . 2.87 45.65 5.94
C1 PEG N . 15.58 8.46 -5.16
O1 PEG N . 16.55 7.83 -4.47
C2 PEG N . 15.77 9.97 -5.04
O2 PEG N . 16.03 10.43 -6.33
C3 PEG N . 16.23 11.80 -6.43
C4 PEG N . 16.43 12.16 -7.91
O4 PEG N . 17.43 11.37 -8.41
C1 EDO O . 10.86 17.27 -1.83
O1 EDO O . 9.94 17.19 -0.75
C2 EDO O . 10.33 16.66 -3.05
O2 EDO O . 8.91 16.64 -3.07
#